data_9EWB
#
_entry.id   9EWB
#
_cell.length_a   56.280
_cell.length_b   62.510
_cell.length_c   140.220
_cell.angle_alpha   90.000
_cell.angle_beta   90.000
_cell.angle_gamma   90.000
#
_symmetry.space_group_name_H-M   'P 21 21 21'
#
loop_
_entity.id
_entity.type
_entity.pdbx_description
1 polymer 'DNA polymerase lambda'
2 polymer "DNA (5'-D(*CP*GP*GP*CP*AP*GP*TP*AP*CP*TP*G)-3')"
3 polymer "DNA (5'-D(*CP*AP*GP*TP*AP*C)-3')"
4 polymer "DNA (5'-D(P*GP*CP*CP*G)-3')"
5 non-polymer 'CALCIUM ION'
6 non-polymer 'SODIUM ION'
7 non-polymer "THYMIDINE-5'-TRIPHOSPHATE"
8 non-polymer 1,2-ETHANEDIOL
9 water water
#
loop_
_entity_poly.entity_id
_entity_poly.type
_entity_poly.pdbx_seq_one_letter_code
_entity_poly.pdbx_strand_id
1 'polypeptide(L)'
;GAQPSSQKATNHNLHITEKLEVLAKAYSVQGDKWRALGYAKAINALKSFHKPVTSYQEACSIPGIGKRMAEKIIEILESG
HLRKLDHISESVPVLELFSNIWGAGTKTAQMWYQQGFRSLEDIRSQASLTTQQAIGLKHYSDFLERMPREEATEIEQTVQ
KAAQAFNSGLLCVACGSYRRGKATCGDVDVLITHPDGRSHRGIFSRLLDSLRQEGFLTDDLVKGETKYLGVCRLPGPGRR
HRRLDIRVVPYSEFACALLYFTGSAHFNRSMRALAKTKGMSLSEHALSTAVVRNTHGAKVGPGRVLPTPTEKDVFRLLGL
PYREPAERDW
;
A
2 'polydeoxyribonucleotide' (DC)(DG)(DG)(DC)(DA)(DG)(DT)(DA)(DC)(DT)(DG) F
3 'polydeoxyribonucleotide' (DC)(DA)(DG)(DT)(DA)(DC) G
4 'polydeoxyribonucleotide' (DG)(DC)(DC)(DG) H
#
loop_
_chem_comp.id
_chem_comp.type
_chem_comp.name
_chem_comp.formula
CA non-polymer 'CALCIUM ION' 'Ca 2'
DA DNA linking 2'-DEOXYADENOSINE-5'-MONOPHOSPHATE 'C10 H14 N5 O6 P'
DC DNA linking 2'-DEOXYCYTIDINE-5'-MONOPHOSPHATE 'C9 H14 N3 O7 P'
DG DNA linking 2'-DEOXYGUANOSINE-5'-MONOPHOSPHATE 'C10 H14 N5 O7 P'
DT DNA linking THYMIDINE-5'-MONOPHOSPHATE 'C10 H15 N2 O8 P'
EDO non-polymer 1,2-ETHANEDIOL 'C2 H6 O2'
NA non-polymer 'SODIUM ION' 'Na 1'
TTP non-polymer THYMIDINE-5'-TRIPHOSPHATE 'C10 H17 N2 O14 P3'
#
# COMPACT_ATOMS: atom_id res chain seq x y z
N THR A 10 -12.75 -16.78 -2.93
CA THR A 10 -14.04 -16.68 -2.20
C THR A 10 -13.76 -16.77 -0.71
N ASN A 11 -14.69 -16.35 0.13
CA ASN A 11 -14.45 -16.51 1.56
C ASN A 11 -15.62 -17.21 2.21
N HIS A 12 -15.33 -18.31 2.92
CA HIS A 12 -16.35 -19.07 3.63
C HIS A 12 -16.27 -18.80 5.11
N ASN A 13 -15.64 -17.68 5.52
CA ASN A 13 -15.58 -17.40 6.95
C ASN A 13 -16.01 -15.96 7.14
N LEU A 14 -16.93 -15.48 6.30
CA LEU A 14 -17.32 -14.07 6.35
C LEU A 14 -17.88 -13.72 7.72
N HIS A 15 -18.71 -14.58 8.29
CA HIS A 15 -19.33 -14.25 9.56
C HIS A 15 -18.29 -14.07 10.66
N ILE A 16 -17.08 -14.59 10.46
CA ILE A 16 -16.00 -14.37 11.42
C ILE A 16 -15.17 -13.14 11.03
N THR A 17 -14.72 -13.08 9.78
CA THR A 17 -13.82 -12.01 9.36
C THR A 17 -14.50 -10.64 9.40
N GLU A 18 -15.79 -10.58 9.08
CA GLU A 18 -16.49 -9.30 9.17
C GLU A 18 -16.39 -8.73 10.57
N LYS A 19 -16.51 -9.59 11.59
CA LYS A 19 -16.39 -9.13 12.97
C LYS A 19 -14.94 -8.81 13.31
N LEU A 20 -13.99 -9.63 12.87
CA LEU A 20 -12.58 -9.35 13.17
C LEU A 20 -12.09 -8.05 12.54
N GLU A 21 -12.51 -7.74 11.31
CA GLU A 21 -12.07 -6.50 10.68
C GLU A 21 -12.42 -5.28 11.53
N VAL A 22 -13.56 -5.31 12.22
CA VAL A 22 -13.95 -4.17 13.03
C VAL A 22 -12.93 -3.97 14.14
N LEU A 23 -12.58 -5.07 14.81
CA LEU A 23 -11.62 -5.00 15.91
C LEU A 23 -10.25 -4.59 15.39
N ALA A 24 -9.84 -5.12 14.24
CA ALA A 24 -8.53 -4.79 13.68
C ALA A 24 -8.43 -3.31 13.33
N LYS A 25 -9.50 -2.75 12.77
CA LYS A 25 -9.55 -1.33 12.47
C LYS A 25 -9.53 -0.49 13.74
N ALA A 26 -10.28 -0.92 14.77
CA ALA A 26 -10.26 -0.20 16.04
C ALA A 26 -8.84 -0.14 16.60
N TYR A 27 -8.15 -1.28 16.61
CA TYR A 27 -6.78 -1.31 17.09
C TYR A 27 -5.88 -0.44 16.23
N SER A 28 -6.10 -0.44 14.91
CA SER A 28 -5.24 0.32 14.01
C SER A 28 -5.36 1.82 14.26
N VAL A 29 -6.58 2.36 14.25
CA VAL A 29 -6.76 3.81 14.44
C VAL A 29 -6.32 4.25 15.84
N GLN A 30 -6.41 3.36 16.84
CA GLN A 30 -5.96 3.68 18.19
C GLN A 30 -4.44 3.57 18.36
N GLY A 31 -3.72 3.17 17.31
CA GLY A 31 -2.27 3.13 17.34
C GLY A 31 -1.63 1.83 17.80
N ASP A 32 -2.42 0.81 18.11
CA ASP A 32 -1.88 -0.47 18.56
C ASP A 32 -1.56 -1.28 17.31
N LYS A 33 -0.43 -0.93 16.65
CA LYS A 33 -0.23 -1.38 15.28
C LYS A 33 0.11 -2.86 15.22
N TRP A 34 0.83 -3.37 16.23
CA TRP A 34 1.25 -4.77 16.17
C TRP A 34 0.09 -5.70 16.46
N ARG A 35 -0.79 -5.32 17.38
CA ARG A 35 -1.98 -6.12 17.62
C ARG A 35 -2.84 -6.13 16.35
N ALA A 36 -3.04 -4.94 15.77
CA ALA A 36 -3.75 -4.82 14.48
C ALA A 36 -3.11 -5.67 13.40
N LEU A 37 -1.79 -5.68 13.33
CA LEU A 37 -1.09 -6.50 12.33
C LEU A 37 -1.45 -7.97 12.51
N GLY A 38 -1.40 -8.44 13.77
CA GLY A 38 -1.80 -9.81 14.03
C GLY A 38 -3.23 -10.09 13.59
N TYR A 39 -4.14 -9.15 13.85
CA TYR A 39 -5.52 -9.35 13.40
C TYR A 39 -5.59 -9.42 11.88
N ALA A 40 -4.98 -8.45 11.19
CA ALA A 40 -4.95 -8.42 9.73
C ALA A 40 -4.48 -9.77 9.17
N LYS A 41 -3.34 -10.24 9.65
CA LYS A 41 -2.78 -11.50 9.16
C LYS A 41 -3.76 -12.63 9.41
N ALA A 42 -4.32 -12.71 10.62
CA ALA A 42 -5.29 -13.75 10.87
C ALA A 42 -6.48 -13.66 9.93
N ILE A 43 -6.92 -12.44 9.65
CA ILE A 43 -8.06 -12.28 8.77
C ILE A 43 -7.74 -12.77 7.37
N ASN A 44 -6.51 -12.46 6.91
CA ASN A 44 -6.09 -12.92 5.58
C ASN A 44 -6.04 -14.46 5.57
N ALA A 45 -5.43 -15.06 6.59
CA ALA A 45 -5.38 -16.50 6.67
C ALA A 45 -6.79 -17.09 6.61
N LEU A 46 -7.72 -16.53 7.37
CA LEU A 46 -9.08 -17.03 7.32
C LEU A 46 -9.72 -16.84 5.94
N LYS A 47 -9.47 -15.72 5.26
CA LYS A 47 -10.03 -15.62 3.93
C LYS A 47 -9.42 -16.63 2.95
N SER A 48 -8.17 -17.02 3.15
CA SER A 48 -7.41 -17.88 2.25
C SER A 48 -7.50 -19.25 2.87
N PHE A 49 -8.53 -20.03 2.52
CA PHE A 49 -8.85 -21.33 3.11
C PHE A 49 -9.87 -22.01 2.21
N HIS A 50 -10.33 -23.19 2.61
CA HIS A 50 -11.14 -24.01 1.72
C HIS A 50 -12.44 -24.30 2.46
N LYS A 51 -12.36 -24.39 3.81
CA LYS A 51 -13.49 -24.89 4.59
C LYS A 51 -13.86 -23.88 5.67
N PRO A 52 -15.15 -23.69 5.94
CA PRO A 52 -15.56 -22.90 7.11
C PRO A 52 -15.01 -23.56 8.37
N VAL A 53 -14.34 -22.79 9.20
CA VAL A 53 -13.80 -23.28 10.47
C VAL A 53 -14.90 -23.59 11.46
N THR A 54 -14.81 -24.80 12.08
CA THR A 54 -15.85 -25.29 12.96
C THR A 54 -15.43 -25.63 14.40
N SER A 55 -14.14 -25.73 14.68
CA SER A 55 -13.64 -26.15 15.99
C SER A 55 -12.47 -25.25 16.41
N TYR A 56 -12.32 -25.07 17.73
CA TYR A 56 -11.11 -24.41 18.23
C TYR A 56 -9.85 -25.14 17.79
N GLN A 57 -9.90 -26.47 17.71
CA GLN A 57 -8.74 -27.21 17.25
C GLN A 57 -8.47 -27.01 15.75
N GLU A 58 -9.49 -27.06 14.91
CA GLU A 58 -9.31 -26.71 13.50
C GLU A 58 -8.82 -25.28 13.31
N ALA A 59 -9.22 -24.37 14.19
CA ALA A 59 -8.78 -22.98 14.11
C ALA A 59 -7.28 -22.86 14.39
N CYS A 60 -6.85 -23.32 15.56
CA CYS A 60 -5.42 -23.22 15.86
C CYS A 60 -4.51 -23.88 14.83
N SER A 61 -5.02 -24.75 13.96
CA SER A 61 -4.16 -25.44 12.98
C SER A 61 -3.71 -24.51 11.85
N ILE A 62 -4.41 -23.39 11.60
CA ILE A 62 -4.17 -22.51 10.44
C ILE A 62 -3.07 -21.55 10.88
N PRO A 63 -2.11 -21.28 9.98
CA PRO A 63 -1.06 -20.28 10.26
C PRO A 63 -1.59 -18.87 10.35
N GLY A 64 -1.25 -18.22 11.47
CA GLY A 64 -1.80 -16.92 11.76
C GLY A 64 -2.93 -16.93 12.75
N ILE A 65 -3.30 -18.10 13.26
CA ILE A 65 -4.38 -18.24 14.23
C ILE A 65 -3.81 -18.87 15.49
N GLY A 66 -3.85 -18.14 16.60
CA GLY A 66 -3.46 -18.65 17.90
C GLY A 66 -4.64 -19.00 18.79
N LYS A 67 -4.34 -19.22 20.08
CA LYS A 67 -5.39 -19.59 21.02
C LYS A 67 -6.38 -18.45 21.23
N ARG A 68 -5.88 -17.22 21.33
CA ARG A 68 -6.78 -16.08 21.47
C ARG A 68 -7.70 -15.90 20.27
N MET A 69 -7.16 -16.05 19.07
CA MET A 69 -7.94 -15.76 17.90
C MET A 69 -8.93 -16.92 17.66
N ALA A 70 -8.53 -18.14 18.00
CA ALA A 70 -9.43 -19.29 17.92
C ALA A 70 -10.57 -19.17 18.93
N GLU A 71 -10.27 -18.76 20.17
CA GLU A 71 -11.32 -18.48 21.15
C GLU A 71 -12.33 -17.51 20.55
N LYS A 72 -11.84 -16.45 19.92
CA LYS A 72 -12.74 -15.49 19.28
C LYS A 72 -13.59 -16.14 18.17
N ILE A 73 -12.96 -16.98 17.34
CA ILE A 73 -13.71 -17.63 16.27
C ILE A 73 -14.80 -18.54 16.84
N ILE A 74 -14.50 -19.26 17.92
CA ILE A 74 -15.50 -20.13 18.51
C ILE A 74 -16.64 -19.30 19.09
N GLU A 75 -16.31 -18.22 19.83
CA GLU A 75 -17.38 -17.38 20.35
C GLU A 75 -18.28 -16.94 19.20
N ILE A 76 -17.71 -16.80 17.99
CA ILE A 76 -18.51 -16.40 16.84
C ILE A 76 -19.40 -17.53 16.35
N LEU A 77 -18.86 -18.75 16.23
CA LEU A 77 -19.66 -19.84 15.63
C LEU A 77 -20.85 -20.27 16.49
N GLU A 78 -20.68 -20.29 17.82
CA GLU A 78 -21.72 -20.77 18.75
C GLU A 78 -22.73 -19.68 19.08
N SER A 79 -22.33 -18.42 19.15
CA SER A 79 -23.23 -17.31 19.46
C SER A 79 -23.68 -16.44 18.27
N GLY A 80 -22.93 -16.42 17.16
CA GLY A 80 -23.07 -15.43 16.10
C GLY A 80 -22.69 -13.99 16.39
N HIS A 81 -21.95 -13.72 17.47
CA HIS A 81 -21.69 -12.35 17.86
C HIS A 81 -20.34 -12.43 18.59
N LEU A 82 -19.62 -11.32 18.62
CA LEU A 82 -18.39 -11.22 19.39
C LEU A 82 -18.50 -10.11 20.43
N ARG A 83 -18.49 -10.50 21.71
CA ARG A 83 -18.76 -9.56 22.78
C ARG A 83 -17.84 -8.36 22.67
N LYS A 84 -16.57 -8.57 22.30
CA LYS A 84 -15.64 -7.45 22.25
C LYS A 84 -16.07 -6.31 21.33
N LEU A 85 -16.91 -6.59 20.32
CA LEU A 85 -17.43 -5.52 19.48
C LEU A 85 -18.27 -4.52 20.27
N ASP A 86 -18.79 -4.93 21.41
CA ASP A 86 -19.62 -4.06 22.23
C ASP A 86 -18.81 -3.16 23.13
N HIS A 87 -17.49 -3.34 23.22
CA HIS A 87 -16.69 -2.48 24.09
C HIS A 87 -15.64 -1.68 23.34
N ILE A 88 -15.82 -1.47 22.04
CA ILE A 88 -14.99 -0.53 21.30
C ILE A 88 -15.29 0.90 21.74
N SER A 89 -14.23 1.65 22.01
CA SER A 89 -14.36 3.02 22.49
C SER A 89 -15.16 3.87 21.52
N GLU A 90 -15.93 4.80 22.07
CA GLU A 90 -16.72 5.72 21.27
C GLU A 90 -15.84 6.65 20.42
N SER A 91 -14.56 6.75 20.75
CA SER A 91 -13.66 7.61 19.98
C SER A 91 -13.27 7.00 18.64
N VAL A 92 -13.45 5.69 18.47
CA VAL A 92 -12.88 5.02 17.30
C VAL A 92 -13.46 5.57 16.00
N PRO A 93 -14.78 5.74 15.85
CA PRO A 93 -15.29 6.30 14.59
C PRO A 93 -14.71 7.67 14.28
N VAL A 94 -14.45 8.47 15.32
CA VAL A 94 -13.88 9.79 15.09
C VAL A 94 -12.43 9.65 14.67
N LEU A 95 -11.69 8.77 15.32
CA LEU A 95 -10.30 8.54 14.95
C LEU A 95 -10.20 8.06 13.50
N GLU A 96 -11.10 7.17 13.10
CA GLU A 96 -11.13 6.70 11.71
C GLU A 96 -11.41 7.86 10.78
N LEU A 97 -12.38 8.71 11.14
CA LEU A 97 -12.70 9.88 10.33
C LEU A 97 -11.48 10.78 10.16
N PHE A 98 -10.76 11.05 11.26
CA PHE A 98 -9.62 11.96 11.20
C PHE A 98 -8.44 11.37 10.44
N SER A 99 -8.13 10.08 10.65
CA SER A 99 -7.00 9.47 9.99
C SER A 99 -7.25 9.07 8.54
N ASN A 100 -8.49 9.19 8.04
CA ASN A 100 -8.73 9.09 6.62
C ASN A 100 -8.36 10.36 5.85
N ILE A 101 -7.87 11.38 6.53
CA ILE A 101 -7.24 12.53 5.87
C ILE A 101 -5.84 12.11 5.45
N TRP A 102 -5.53 12.22 4.16
CA TRP A 102 -4.18 11.93 3.69
C TRP A 102 -3.20 12.84 4.41
N GLY A 103 -2.18 12.25 5.02
CA GLY A 103 -1.16 12.97 5.75
C GLY A 103 -1.44 13.08 7.23
N ALA A 104 -2.59 12.61 7.70
CA ALA A 104 -2.87 12.49 9.12
C ALA A 104 -2.95 11.02 9.47
N GLY A 105 -2.21 10.61 10.50
CA GLY A 105 -2.30 9.26 11.02
C GLY A 105 -2.82 9.20 12.43
N THR A 106 -2.53 8.11 13.12
CA THR A 106 -3.08 7.89 14.44
C THR A 106 -2.65 8.98 15.41
N LYS A 107 -1.40 9.44 15.36
CA LYS A 107 -0.93 10.39 16.35
C LYS A 107 -1.66 11.72 16.19
N THR A 108 -1.83 12.17 14.94
CA THR A 108 -2.54 13.42 14.67
C THR A 108 -4.02 13.29 15.02
N ALA A 109 -4.63 12.16 14.67
CA ALA A 109 -6.03 11.93 15.02
C ALA A 109 -6.23 11.95 16.54
N GLN A 110 -5.33 11.29 17.27
CA GLN A 110 -5.44 11.25 18.73
C GLN A 110 -5.29 12.64 19.32
N MET A 111 -4.38 13.44 18.75
CA MET A 111 -4.21 14.81 19.23
C MET A 111 -5.43 15.67 18.94
N TRP A 112 -5.94 15.60 17.71
CA TRP A 112 -7.17 16.32 17.38
C TRP A 112 -8.30 15.92 18.31
N TYR A 113 -8.43 14.62 18.59
CA TYR A 113 -9.50 14.15 19.46
C TYR A 113 -9.33 14.70 20.88
N GLN A 114 -8.09 14.69 21.37
CA GLN A 114 -7.80 15.22 22.70
C GLN A 114 -8.12 16.70 22.78
N GLN A 115 -7.96 17.43 21.67
CA GLN A 115 -8.31 18.84 21.68
C GLN A 115 -9.81 19.08 21.64
N GLY A 116 -10.62 18.04 21.55
CA GLY A 116 -12.06 18.19 21.61
C GLY A 116 -12.73 18.16 20.25
N PHE A 117 -11.97 17.97 19.17
CA PHE A 117 -12.53 17.96 17.82
C PHE A 117 -13.21 16.61 17.58
N ARG A 118 -14.34 16.66 16.88
CA ARG A 118 -15.17 15.48 16.68
C ARG A 118 -15.64 15.33 15.24
N SER A 119 -15.41 16.33 14.38
CA SER A 119 -15.92 16.30 13.03
C SER A 119 -14.95 17.02 12.10
N LEU A 120 -15.11 16.80 10.79
CA LEU A 120 -14.28 17.48 9.79
C LEU A 120 -14.59 18.96 9.74
N GLU A 121 -15.80 19.38 10.12
CA GLU A 121 -16.05 20.81 10.26
C GLU A 121 -15.17 21.42 11.35
N ASP A 122 -15.05 20.74 12.49
CA ASP A 122 -14.11 21.13 13.54
C ASP A 122 -12.69 21.24 13.00
N ILE A 123 -12.25 20.25 12.24
CA ILE A 123 -10.90 20.28 11.67
C ILE A 123 -10.75 21.48 10.75
N ARG A 124 -11.67 21.62 9.77
CA ARG A 124 -11.62 22.73 8.83
C ARG A 124 -11.53 24.09 9.53
N SER A 125 -12.28 24.27 10.60
CA SER A 125 -12.40 25.60 11.20
C SER A 125 -11.40 25.87 12.30
N GLN A 126 -10.92 24.85 13.02
CA GLN A 126 -10.09 25.06 14.20
C GLN A 126 -8.77 24.32 14.20
N ALA A 127 -8.58 23.27 13.41
CA ALA A 127 -7.38 22.47 13.54
C ALA A 127 -6.21 23.12 12.83
N SER A 128 -5.01 22.83 13.32
CA SER A 128 -3.78 23.17 12.62
C SER A 128 -3.49 22.06 11.63
N LEU A 129 -3.37 22.41 10.35
CA LEU A 129 -3.16 21.44 9.30
C LEU A 129 -1.82 21.65 8.60
N THR A 130 -1.11 20.55 8.33
CA THR A 130 0.01 20.62 7.42
C THR A 130 -0.48 20.84 5.99
N THR A 131 0.43 21.23 5.11
CA THR A 131 0.11 21.39 3.69
C THR A 131 -0.50 20.12 3.11
N GLN A 132 0.09 18.98 3.46
CA GLN A 132 -0.44 17.70 2.99
C GLN A 132 -1.84 17.47 3.51
N GLN A 133 -2.05 17.71 4.81
CA GLN A 133 -3.34 17.42 5.40
C GLN A 133 -4.42 18.33 4.86
N ALA A 134 -4.06 19.56 4.47
CA ALA A 134 -5.04 20.45 3.85
C ALA A 134 -5.43 19.97 2.47
N ILE A 135 -4.46 19.44 1.70
CA ILE A 135 -4.81 18.82 0.42
C ILE A 135 -5.67 17.58 0.64
N GLY A 136 -5.30 16.75 1.61
CA GLY A 136 -6.09 15.57 1.90
C GLY A 136 -7.52 15.91 2.28
N LEU A 137 -7.70 16.95 3.08
CA LEU A 137 -9.03 17.34 3.51
C LEU A 137 -9.84 17.87 2.35
N LYS A 138 -9.22 18.69 1.49
CA LYS A 138 -9.95 19.22 0.37
C LYS A 138 -10.38 18.15 -0.64
N HIS A 139 -9.74 16.97 -0.63
CA HIS A 139 -10.12 15.85 -1.48
C HIS A 139 -10.62 14.66 -0.66
N TYR A 140 -11.17 14.93 0.54
CA TYR A 140 -11.51 13.84 1.46
C TYR A 140 -12.35 12.77 0.78
N SER A 141 -13.48 13.14 0.18
CA SER A 141 -14.35 12.16 -0.45
C SER A 141 -13.67 11.47 -1.62
N ASP A 142 -12.98 12.24 -2.47
CA ASP A 142 -12.35 11.66 -3.65
C ASP A 142 -11.32 10.61 -3.27
N PHE A 143 -10.51 10.89 -2.26
CA PHE A 143 -9.45 9.98 -1.86
C PHE A 143 -9.97 8.72 -1.19
N LEU A 144 -11.23 8.70 -0.74
CA LEU A 144 -11.77 7.46 -0.21
C LEU A 144 -12.36 6.57 -1.30
N GLU A 145 -12.46 7.04 -2.53
CA GLU A 145 -13.04 6.30 -3.64
C GLU A 145 -11.97 5.52 -4.37
N ARG A 146 -12.36 4.41 -4.96
CA ARG A 146 -11.54 3.68 -5.92
C ARG A 146 -12.06 3.97 -7.33
N MET A 147 -11.16 3.98 -8.28
CA MET A 147 -11.45 4.23 -9.68
C MET A 147 -11.56 2.94 -10.47
N PRO A 148 -12.28 2.96 -11.58
CA PRO A 148 -12.28 1.81 -12.49
C PRO A 148 -10.94 1.68 -13.17
N ARG A 149 -10.53 0.42 -13.45
CA ARG A 149 -9.16 0.23 -13.93
C ARG A 149 -8.99 0.95 -15.26
N GLU A 150 -10.08 1.12 -16.01
CA GLU A 150 -10.02 1.84 -17.28
CA GLU A 150 -10.02 1.84 -17.28
C GLU A 150 -9.52 3.26 -17.08
N GLU A 151 -9.95 3.91 -16.00
CA GLU A 151 -9.45 5.24 -15.70
C GLU A 151 -7.99 5.21 -15.30
N ALA A 152 -7.59 4.18 -14.53
CA ALA A 152 -6.18 3.99 -14.21
C ALA A 152 -5.37 3.89 -15.49
N THR A 153 -5.93 3.21 -16.50
CA THR A 153 -5.25 3.09 -17.78
C THR A 153 -5.10 4.45 -18.42
N GLU A 154 -6.13 5.29 -18.32
CA GLU A 154 -6.02 6.61 -18.93
C GLU A 154 -4.97 7.46 -18.22
N ILE A 155 -4.87 7.33 -16.90
CA ILE A 155 -3.86 8.09 -16.16
C ILE A 155 -2.46 7.61 -16.49
N GLU A 156 -2.30 6.29 -16.57
CA GLU A 156 -1.00 5.75 -16.95
C GLU A 156 -0.60 6.22 -18.33
N GLN A 157 -1.52 6.14 -19.28
CA GLN A 157 -1.19 6.54 -20.65
C GLN A 157 -0.87 8.04 -20.73
N THR A 158 -1.53 8.85 -19.91
CA THR A 158 -1.22 10.28 -19.89
C THR A 158 0.20 10.51 -19.41
N VAL A 159 0.59 9.83 -18.33
CA VAL A 159 1.97 9.96 -17.85
C VAL A 159 2.94 9.43 -18.90
N GLN A 160 2.66 8.25 -19.46
CA GLN A 160 3.57 7.63 -20.41
C GLN A 160 3.79 8.55 -21.61
N LYS A 161 2.70 9.11 -22.14
CA LYS A 161 2.82 9.97 -23.31
C LYS A 161 3.56 11.26 -22.97
N ALA A 162 3.40 11.76 -21.74
CA ALA A 162 4.16 12.94 -21.37
C ALA A 162 5.64 12.61 -21.24
N ALA A 163 5.96 11.45 -20.67
CA ALA A 163 7.35 11.05 -20.49
C ALA A 163 8.04 10.70 -21.81
N GLN A 164 7.41 9.84 -22.61
CA GLN A 164 8.06 9.42 -23.85
CA GLN A 164 8.02 9.41 -23.87
C GLN A 164 8.15 10.54 -24.88
N ALA A 165 7.61 11.74 -24.58
CA ALA A 165 7.81 12.91 -25.42
C ALA A 165 9.21 13.48 -25.28
N PHE A 166 9.80 13.28 -24.11
CA PHE A 166 11.19 13.71 -23.82
C PHE A 166 12.18 12.72 -24.40
N ASN A 167 11.99 11.44 -24.13
CA ASN A 167 12.83 10.38 -24.64
C ASN A 167 11.90 9.24 -25.02
N SER A 168 11.84 8.91 -26.32
CA SER A 168 10.97 7.84 -26.80
C SER A 168 11.24 6.50 -26.11
N GLY A 169 12.48 6.25 -25.69
CA GLY A 169 12.91 5.00 -25.12
C GLY A 169 12.55 4.76 -23.67
N LEU A 170 11.75 5.63 -23.06
CA LEU A 170 11.38 5.49 -21.66
C LEU A 170 10.26 4.46 -21.53
N LEU A 171 10.44 3.52 -20.62
CA LEU A 171 9.41 2.52 -20.33
C LEU A 171 8.64 2.94 -19.09
N CYS A 172 7.31 2.82 -19.17
CA CYS A 172 6.39 3.26 -18.14
C CYS A 172 5.41 2.12 -17.89
N VAL A 173 5.29 1.72 -16.63
CA VAL A 173 4.47 0.58 -16.22
C VAL A 173 3.66 0.96 -15.00
N ALA A 174 2.33 0.82 -15.08
CA ALA A 174 1.59 0.98 -13.84
C ALA A 174 1.76 -0.30 -13.04
N CYS A 175 2.28 -0.14 -11.83
CA CYS A 175 2.63 -1.23 -10.93
C CYS A 175 1.87 -1.15 -9.63
N GLY A 176 0.88 -1.98 -9.43
CA GLY A 176 0.11 -1.91 -8.20
C GLY A 176 -1.10 -2.80 -8.37
N SER A 177 -2.19 -2.41 -7.74
CA SER A 177 -3.37 -3.25 -7.87
C SER A 177 -3.74 -3.32 -9.36
N TYR A 178 -3.30 -2.31 -10.13
CA TYR A 178 -3.53 -2.32 -11.57
C TYR A 178 -2.81 -3.50 -12.23
N ARG A 179 -1.51 -3.67 -11.93
CA ARG A 179 -0.75 -4.74 -12.55
C ARG A 179 -1.19 -6.11 -12.05
N ARG A 180 -1.68 -6.19 -10.82
CA ARG A 180 -2.28 -7.40 -10.22
C ARG A 180 -3.67 -7.70 -10.77
N GLY A 181 -4.18 -6.92 -11.73
CA GLY A 181 -5.40 -7.25 -12.46
C GLY A 181 -6.69 -6.84 -11.80
N LYS A 182 -6.64 -6.02 -10.75
CA LYS A 182 -7.84 -5.65 -10.03
C LYS A 182 -8.80 -4.80 -10.87
N ALA A 183 -10.10 -4.88 -10.54
CA ALA A 183 -11.09 -4.12 -11.29
C ALA A 183 -11.11 -2.65 -10.91
N THR A 184 -10.69 -2.33 -9.69
CA THR A 184 -10.59 -0.95 -9.22
C THR A 184 -9.21 -0.69 -8.61
N CYS A 185 -8.85 0.58 -8.57
CA CYS A 185 -7.53 1.00 -8.09
C CYS A 185 -7.66 2.20 -7.16
N GLY A 186 -6.94 2.14 -6.03
CA GLY A 186 -7.00 3.22 -5.07
C GLY A 186 -6.25 4.44 -5.55
N ASP A 187 -5.14 4.22 -6.25
CA ASP A 187 -4.39 5.26 -6.93
C ASP A 187 -3.66 4.59 -8.09
N VAL A 188 -2.83 5.38 -8.79
CA VAL A 188 -2.09 4.89 -9.93
C VAL A 188 -0.61 4.99 -9.56
N ASP A 189 0.12 3.92 -9.81
CA ASP A 189 1.53 3.79 -9.46
C ASP A 189 2.29 3.62 -10.76
N VAL A 190 3.04 4.63 -11.17
CA VAL A 190 3.74 4.59 -12.45
C VAL A 190 5.24 4.55 -12.20
N LEU A 191 5.87 3.48 -12.68
CA LEU A 191 7.31 3.28 -12.57
C LEU A 191 7.91 3.63 -13.92
N ILE A 192 8.98 4.42 -13.92
CA ILE A 192 9.63 4.86 -15.15
C ILE A 192 11.10 4.48 -15.07
N THR A 193 11.63 3.97 -16.16
CA THR A 193 13.04 3.64 -16.33
C THR A 193 13.42 3.84 -17.80
N HIS A 194 14.58 3.31 -18.19
CA HIS A 194 15.12 3.41 -19.54
C HIS A 194 16.19 2.35 -19.65
N PRO A 195 16.06 1.43 -20.62
CA PRO A 195 17.08 0.36 -20.75
C PRO A 195 18.52 0.80 -21.06
N ASP A 196 18.76 1.95 -21.67
CA ASP A 196 20.07 2.61 -21.75
C ASP A 196 20.88 2.46 -20.46
N GLY A 197 20.20 2.55 -19.31
CA GLY A 197 20.71 2.72 -17.97
C GLY A 197 21.06 4.10 -17.45
N ARG A 198 20.94 5.19 -18.23
CA ARG A 198 21.43 6.49 -17.76
C ARG A 198 20.52 7.66 -18.14
N SER A 199 19.77 7.59 -19.24
CA SER A 199 18.99 8.73 -19.71
C SER A 199 17.82 9.07 -18.79
N HIS A 200 17.45 8.18 -17.89
CA HIS A 200 16.39 8.46 -16.94
C HIS A 200 16.71 9.62 -15.99
N ARG A 201 17.95 10.12 -16.02
CA ARG A 201 18.43 10.96 -14.93
C ARG A 201 17.78 12.34 -14.92
N GLY A 202 17.64 12.96 -16.09
CA GLY A 202 17.18 14.33 -16.16
C GLY A 202 15.73 14.55 -16.46
N ILE A 203 14.93 13.49 -16.59
CA ILE A 203 13.58 13.64 -17.12
C ILE A 203 12.52 13.90 -16.06
N PHE A 204 12.83 13.68 -14.77
CA PHE A 204 11.76 13.58 -13.78
C PHE A 204 11.12 14.95 -13.53
N SER A 205 11.95 15.95 -13.21
CA SER A 205 11.43 17.28 -12.94
C SER A 205 10.78 17.90 -14.17
N ARG A 206 11.41 17.73 -15.34
N ARG A 206 11.39 17.72 -15.34
CA ARG A 206 10.83 18.22 -16.58
CA ARG A 206 10.78 18.27 -16.56
C ARG A 206 9.47 17.57 -16.84
C ARG A 206 9.47 17.56 -16.88
N LEU A 207 9.36 16.27 -16.58
CA LEU A 207 8.10 15.56 -16.76
C LEU A 207 7.02 16.17 -15.87
N LEU A 208 7.35 16.39 -14.59
CA LEU A 208 6.34 16.94 -13.70
C LEU A 208 5.93 18.35 -14.14
N ASP A 209 6.89 19.14 -14.61
CA ASP A 209 6.55 20.45 -15.15
C ASP A 209 5.61 20.33 -16.34
N SER A 210 5.88 19.36 -17.22
CA SER A 210 5.01 19.14 -18.36
C SER A 210 3.59 18.79 -17.92
N LEU A 211 3.47 17.92 -16.93
CA LEU A 211 2.14 17.52 -16.49
C LEU A 211 1.41 18.62 -15.73
N ARG A 212 2.12 19.46 -14.97
CA ARG A 212 1.39 20.50 -14.25
CA ARG A 212 1.49 20.55 -14.22
C ARG A 212 1.09 21.69 -15.14
N GLN A 213 1.93 21.97 -16.14
CA GLN A 213 1.62 22.95 -17.17
C GLN A 213 0.37 22.55 -17.96
N GLU A 214 0.15 21.25 -18.16
CA GLU A 214 -0.99 20.77 -18.92
C GLU A 214 -2.29 20.75 -18.14
N GLY A 215 -2.23 20.98 -16.83
CA GLY A 215 -3.38 21.03 -15.97
C GLY A 215 -3.72 19.69 -15.37
N PHE A 216 -2.95 18.66 -15.70
CA PHE A 216 -3.22 17.31 -15.24
C PHE A 216 -2.92 17.17 -13.76
N LEU A 217 -1.75 17.66 -13.31
CA LEU A 217 -1.39 17.66 -11.90
C LEU A 217 -1.99 18.87 -11.21
N THR A 218 -2.73 18.62 -10.13
CA THR A 218 -3.44 19.67 -9.40
C THR A 218 -2.82 19.97 -8.04
N ASP A 219 -2.16 19.00 -7.41
CA ASP A 219 -1.58 19.19 -6.09
C ASP A 219 -0.37 18.27 -5.94
N ASP A 220 0.64 18.75 -5.23
CA ASP A 220 1.80 17.95 -4.86
C ASP A 220 1.74 17.63 -3.37
N LEU A 221 1.97 16.37 -3.05
CA LEU A 221 2.08 15.86 -1.68
C LEU A 221 3.52 15.60 -1.28
N VAL A 222 4.27 14.89 -2.12
CA VAL A 222 5.66 14.51 -1.86
C VAL A 222 6.48 14.65 -3.14
N LYS A 223 7.64 15.31 -3.03
CA LYS A 223 8.58 15.62 -4.10
C LYS A 223 10.03 15.32 -3.72
N GLY A 224 10.47 14.11 -4.09
CA GLY A 224 11.84 13.71 -3.97
C GLY A 224 12.55 13.78 -5.31
N GLU A 225 13.81 13.36 -5.30
CA GLU A 225 14.61 13.43 -6.52
C GLU A 225 14.22 12.34 -7.50
N THR A 226 13.71 11.20 -7.01
CA THR A 226 13.18 10.13 -7.86
C THR A 226 11.77 9.64 -7.49
N LYS A 227 11.11 10.29 -6.54
CA LYS A 227 9.79 9.89 -6.05
C LYS A 227 8.80 11.03 -6.04
N TYR A 228 7.62 10.82 -6.61
CA TYR A 228 6.57 11.84 -6.58
C TYR A 228 5.23 11.26 -6.12
N LEU A 229 4.61 11.91 -5.15
CA LEU A 229 3.21 11.65 -4.79
C LEU A 229 2.38 12.92 -4.94
N GLY A 230 1.28 12.82 -5.67
CA GLY A 230 0.46 13.99 -5.91
C GLY A 230 -0.97 13.65 -6.29
N VAL A 231 -1.60 14.60 -6.96
CA VAL A 231 -3.02 14.59 -7.25
C VAL A 231 -3.18 14.98 -8.70
N CYS A 232 -3.99 14.24 -9.45
CA CYS A 232 -4.24 14.52 -10.85
C CYS A 232 -5.74 14.47 -11.11
N ARG A 233 -6.15 15.01 -12.24
CA ARG A 233 -7.54 14.89 -12.65
C ARG A 233 -7.58 14.92 -14.17
N LEU A 234 -8.20 13.90 -14.78
CA LEU A 234 -8.32 13.87 -16.21
C LEU A 234 -9.20 15.02 -16.68
N PRO A 235 -9.03 15.47 -17.91
CA PRO A 235 -9.82 16.60 -18.40
C PRO A 235 -11.23 16.18 -18.78
N GLY A 236 -12.10 17.17 -18.86
CA GLY A 236 -13.46 16.98 -19.29
C GLY A 236 -14.39 16.85 -18.09
N PRO A 237 -15.68 16.66 -18.34
CA PRO A 237 -16.64 16.57 -17.23
C PRO A 237 -16.63 15.19 -16.59
N GLY A 238 -17.25 15.13 -15.41
CA GLY A 238 -17.42 13.89 -14.70
C GLY A 238 -16.16 13.23 -14.17
N ARG A 239 -15.12 14.00 -13.90
CA ARG A 239 -13.84 13.46 -13.49
C ARG A 239 -13.59 13.78 -12.02
N ARG A 240 -13.01 12.86 -11.30
CA ARG A 240 -12.61 13.02 -9.91
C ARG A 240 -11.11 13.22 -9.81
N HIS A 241 -10.67 13.75 -8.68
CA HIS A 241 -9.27 13.87 -8.39
C HIS A 241 -8.74 12.52 -7.95
N ARG A 242 -7.55 12.15 -8.44
CA ARG A 242 -6.98 10.84 -8.14
C ARG A 242 -5.54 10.99 -7.63
N ARG A 243 -5.17 10.15 -6.68
CA ARG A 243 -3.81 10.09 -6.18
C ARG A 243 -2.91 9.44 -7.22
N LEU A 244 -1.71 9.98 -7.39
CA LEU A 244 -0.76 9.49 -8.38
C LEU A 244 0.62 9.39 -7.74
N ASP A 245 1.24 8.23 -7.84
CA ASP A 245 2.62 8.02 -7.38
C ASP A 245 3.45 7.72 -8.61
N ILE A 246 4.59 8.38 -8.73
CA ILE A 246 5.51 8.16 -9.85
C ILE A 246 6.91 7.96 -9.32
N ARG A 247 7.55 6.87 -9.73
CA ARG A 247 8.94 6.60 -9.39
C ARG A 247 9.76 6.54 -10.67
N VAL A 248 11.02 6.96 -10.57
CA VAL A 248 11.98 6.86 -11.66
C VAL A 248 13.17 6.06 -11.13
N VAL A 249 13.42 4.88 -11.71
CA VAL A 249 14.47 4.02 -11.19
C VAL A 249 15.52 3.71 -12.25
N PRO A 250 16.78 3.47 -11.85
CA PRO A 250 17.78 2.98 -12.80
C PRO A 250 17.41 1.61 -13.33
N TYR A 251 17.85 1.31 -14.56
CA TYR A 251 17.46 0.04 -15.17
C TYR A 251 17.94 -1.14 -14.32
N SER A 252 19.13 -1.03 -13.70
CA SER A 252 19.65 -2.14 -12.93
C SER A 252 18.80 -2.49 -11.72
N GLU A 253 17.97 -1.58 -11.25
CA GLU A 253 17.10 -1.82 -10.10
C GLU A 253 15.68 -2.10 -10.53
N PHE A 254 15.44 -2.23 -11.83
CA PHE A 254 14.07 -2.25 -12.35
C PHE A 254 13.29 -3.45 -11.83
N ALA A 255 13.88 -4.63 -11.84
CA ALA A 255 13.15 -5.83 -11.41
C ALA A 255 12.71 -5.71 -9.96
N CYS A 256 13.59 -5.23 -9.08
CA CYS A 256 13.21 -5.10 -7.67
C CYS A 256 12.24 -3.96 -7.44
N ALA A 257 12.34 -2.88 -8.23
CA ALA A 257 11.39 -1.80 -8.10
C ALA A 257 10.02 -2.23 -8.59
N LEU A 258 9.99 -2.98 -9.71
CA LEU A 258 8.75 -3.53 -10.23
C LEU A 258 8.07 -4.43 -9.20
N LEU A 259 8.85 -5.34 -8.59
CA LEU A 259 8.30 -6.26 -7.59
C LEU A 259 7.73 -5.52 -6.40
N TYR A 260 8.49 -4.61 -5.83
CA TYR A 260 8.01 -3.79 -4.73
C TYR A 260 6.73 -3.06 -5.11
N PHE A 261 6.79 -2.29 -6.20
CA PHE A 261 5.70 -1.40 -6.58
C PHE A 261 4.45 -2.19 -6.94
N THR A 262 4.60 -3.45 -7.37
CA THR A 262 3.43 -4.27 -7.70
C THR A 262 2.78 -4.83 -6.45
N GLY A 263 3.55 -5.15 -5.42
CA GLY A 263 2.96 -5.61 -4.18
C GLY A 263 2.32 -6.97 -4.36
N SER A 264 1.33 -7.27 -3.53
CA SER A 264 0.75 -6.36 -2.54
C SER A 264 1.69 -6.04 -1.39
N ALA A 265 1.25 -5.14 -0.50
CA ALA A 265 2.06 -4.79 0.66
C ALA A 265 2.31 -6.01 1.54
N HIS A 266 1.27 -6.79 1.83
CA HIS A 266 1.45 -7.98 2.64
C HIS A 266 2.33 -9.00 1.93
N PHE A 267 2.20 -9.11 0.61
CA PHE A 267 3.10 -9.97 -0.16
C PHE A 267 4.55 -9.54 0.00
N ASN A 268 4.82 -8.23 -0.15
CA ASN A 268 6.19 -7.74 -0.01
C ASN A 268 6.74 -8.08 1.36
N ARG A 269 5.95 -7.86 2.40
CA ARG A 269 6.40 -8.12 3.77
C ARG A 269 6.71 -9.60 3.95
N SER A 270 5.90 -10.49 3.35
CA SER A 270 6.20 -11.91 3.42
C SER A 270 7.50 -12.23 2.69
N MET A 271 7.70 -11.66 1.50
CA MET A 271 8.91 -11.94 0.75
C MET A 271 10.14 -11.40 1.47
N ARG A 272 10.02 -10.20 2.05
CA ARG A 272 11.14 -9.60 2.76
C ARG A 272 11.45 -10.36 4.05
N ALA A 273 10.41 -10.82 4.74
CA ALA A 273 10.63 -11.65 5.93
C ALA A 273 11.35 -12.94 5.57
N LEU A 274 10.95 -13.56 4.44
CA LEU A 274 11.62 -14.78 4.02
C LEU A 274 13.09 -14.52 3.71
N ALA A 275 13.36 -13.43 2.98
CA ALA A 275 14.73 -13.08 2.64
C ALA A 275 15.56 -12.89 3.89
N LYS A 276 14.97 -12.32 4.92
CA LYS A 276 15.70 -12.10 6.17
C LYS A 276 16.11 -13.42 6.79
N THR A 277 15.21 -14.42 6.77
CA THR A 277 15.55 -15.72 7.34
C THR A 277 16.74 -16.37 6.62
N LYS A 278 16.97 -16.04 5.34
CA LYS A 278 18.02 -16.66 4.55
C LYS A 278 19.28 -15.81 4.51
N GLY A 279 19.44 -14.91 5.48
CA GLY A 279 20.61 -14.04 5.53
C GLY A 279 20.70 -13.10 4.35
N MET A 280 19.56 -12.74 3.77
CA MET A 280 19.46 -11.84 2.64
C MET A 280 18.61 -10.64 3.04
N SER A 281 18.48 -9.68 2.13
CA SER A 281 17.67 -8.50 2.38
C SER A 281 17.09 -8.04 1.06
N LEU A 282 15.79 -7.81 1.04
CA LEU A 282 15.09 -7.44 -0.17
C LEU A 282 14.47 -6.07 0.04
N SER A 283 14.77 -5.16 -0.88
CA SER A 283 14.14 -3.85 -0.89
C SER A 283 13.70 -3.47 -2.29
N GLU A 284 13.23 -2.25 -2.46
CA GLU A 284 12.88 -1.77 -3.79
C GLU A 284 14.09 -1.43 -4.63
N HIS A 285 15.28 -1.35 -4.04
CA HIS A 285 16.53 -1.13 -4.77
C HIS A 285 17.21 -2.41 -5.27
N ALA A 286 17.23 -3.47 -4.46
CA ALA A 286 18.06 -4.62 -4.78
C ALA A 286 17.76 -5.75 -3.80
N LEU A 287 18.14 -6.96 -4.21
CA LEU A 287 18.25 -8.11 -3.31
C LEU A 287 19.70 -8.31 -2.93
N SER A 288 19.97 -8.28 -1.63
CA SER A 288 21.33 -8.37 -1.11
C SER A 288 21.53 -9.65 -0.31
N THR A 289 22.75 -10.18 -0.38
CA THR A 289 23.11 -11.41 0.30
C THR A 289 24.31 -11.17 1.22
N ALA A 290 24.40 -11.96 2.29
CA ALA A 290 25.48 -11.85 3.28
C ALA A 290 25.38 -10.56 4.09
N VAL A 291 24.16 -10.13 4.36
CA VAL A 291 23.87 -8.96 5.20
C VAL A 291 24.09 -9.36 6.64
N VAL A 292 24.88 -8.60 7.37
CA VAL A 292 25.15 -8.91 8.77
C VAL A 292 24.12 -8.17 9.62
N ARG A 293 23.46 -8.90 10.52
CA ARG A 293 22.50 -8.28 11.40
C ARG A 293 22.90 -8.61 12.83
N ASN A 294 22.37 -7.83 13.77
CA ASN A 294 22.60 -8.07 15.19
C ASN A 294 21.45 -8.92 15.74
N THR A 295 21.41 -9.08 17.07
CA THR A 295 20.41 -9.93 17.71
C THR A 295 18.99 -9.39 17.66
N HIS A 296 18.78 -8.15 17.21
CA HIS A 296 17.45 -7.56 17.13
C HIS A 296 16.96 -7.45 15.69
N GLY A 297 17.56 -8.18 14.77
CA GLY A 297 17.16 -8.12 13.37
C GLY A 297 17.45 -6.80 12.70
N ALA A 298 18.29 -5.95 13.29
CA ALA A 298 18.69 -4.68 12.73
C ALA A 298 20.02 -4.84 11.98
N LYS A 299 20.22 -4.02 10.95
CA LYS A 299 21.34 -4.22 10.05
C LYS A 299 22.58 -3.47 10.53
N VAL A 300 23.65 -4.22 10.78
CA VAL A 300 24.94 -3.68 11.16
C VAL A 300 25.97 -3.74 10.03
N GLY A 301 25.74 -4.54 9.00
CA GLY A 301 26.65 -4.59 7.88
C GLY A 301 25.85 -4.76 6.61
N PRO A 302 26.38 -4.22 5.51
CA PRO A 302 25.56 -4.01 4.32
C PRO A 302 25.25 -5.23 3.48
N GLY A 303 26.27 -6.04 3.23
CA GLY A 303 26.20 -7.16 2.33
C GLY A 303 26.42 -6.70 0.89
N ARG A 304 26.29 -7.65 -0.04
CA ARG A 304 26.51 -7.44 -1.46
C ARG A 304 25.24 -7.61 -2.27
N VAL A 305 25.04 -6.76 -3.26
CA VAL A 305 23.93 -6.91 -4.20
C VAL A 305 24.12 -8.14 -5.09
N LEU A 306 23.02 -8.89 -5.27
CA LEU A 306 22.87 -10.03 -6.17
C LEU A 306 22.22 -9.60 -7.49
N PRO A 307 22.69 -10.14 -8.62
CA PRO A 307 22.13 -9.73 -9.91
C PRO A 307 20.70 -10.22 -10.07
N THR A 308 19.78 -9.29 -10.32
CA THR A 308 18.38 -9.63 -10.55
C THR A 308 17.85 -8.93 -11.79
N PRO A 309 18.21 -9.41 -12.97
CA PRO A 309 17.70 -8.79 -14.21
C PRO A 309 16.19 -8.87 -14.35
N THR A 310 15.54 -9.87 -13.76
CA THR A 310 14.10 -10.06 -13.92
C THR A 310 13.49 -10.42 -12.57
N GLU A 311 12.18 -10.15 -12.44
CA GLU A 311 11.47 -10.58 -11.24
C GLU A 311 11.68 -12.05 -10.94
N LYS A 312 11.73 -12.90 -11.98
CA LYS A 312 11.92 -14.33 -11.76
C LYS A 312 13.24 -14.60 -11.06
N ASP A 313 14.24 -13.77 -11.29
CA ASP A 313 15.53 -14.00 -10.64
C ASP A 313 15.41 -13.79 -9.14
N VAL A 314 14.63 -12.80 -8.71
CA VAL A 314 14.42 -12.59 -7.28
C VAL A 314 13.79 -13.82 -6.65
N PHE A 315 12.67 -14.30 -7.21
CA PHE A 315 12.04 -15.51 -6.73
C PHE A 315 13.04 -16.67 -6.68
N ARG A 316 13.76 -16.91 -7.78
CA ARG A 316 14.71 -18.01 -7.85
C ARG A 316 15.78 -17.94 -6.77
N LEU A 317 16.36 -16.75 -6.58
CA LEU A 317 17.41 -16.60 -5.59
C LEU A 317 16.88 -16.78 -4.17
N LEU A 318 15.58 -16.63 -3.96
CA LEU A 318 14.98 -16.87 -2.66
C LEU A 318 14.48 -18.31 -2.50
N GLY A 319 14.67 -19.16 -3.51
CA GLY A 319 14.20 -20.52 -3.41
C GLY A 319 12.70 -20.67 -3.49
N LEU A 320 12.03 -19.77 -4.22
CA LEU A 320 10.57 -19.81 -4.32
C LEU A 320 10.11 -20.04 -5.76
N PRO A 321 8.94 -20.64 -5.95
CA PRO A 321 8.35 -20.66 -7.29
C PRO A 321 7.85 -19.28 -7.66
N TYR A 322 7.90 -18.97 -8.96
CA TYR A 322 7.44 -17.68 -9.43
C TYR A 322 5.95 -17.54 -9.19
N ARG A 323 5.54 -16.32 -8.83
CA ARG A 323 4.14 -15.95 -8.63
C ARG A 323 3.84 -14.79 -9.56
N GLU A 324 2.81 -14.97 -10.41
CA GLU A 324 2.42 -13.90 -11.30
C GLU A 324 1.77 -12.76 -10.54
N PRO A 325 1.77 -11.55 -11.11
CA PRO A 325 1.25 -10.40 -10.34
C PRO A 325 -0.10 -10.71 -9.75
N ALA A 326 -0.99 -11.33 -10.56
CA ALA A 326 -2.33 -11.64 -10.10
C ALA A 326 -2.30 -12.59 -8.90
N GLU A 327 -1.22 -13.37 -8.80
CA GLU A 327 -1.05 -14.31 -7.70
C GLU A 327 -0.26 -13.73 -6.54
N ARG A 328 -0.15 -12.40 -6.46
CA ARG A 328 0.62 -11.77 -5.38
C ARG A 328 -0.28 -10.94 -4.47
N ASP A 329 -1.53 -11.35 -4.29
CA ASP A 329 -2.41 -10.59 -3.39
C ASP A 329 -2.14 -10.90 -1.93
N TRP A 330 -1.26 -11.85 -1.63
CA TRP A 330 -0.84 -12.12 -0.25
C TRP A 330 0.11 -13.31 -0.23
CA CA E . -1.98 1.71 -6.09
NA NA F . -4.40 9.47 6.92
NA NA G . -1.72 -21.90 13.71
PA TTP H . -0.47 1.11 -2.91
O1A TTP H . -0.93 1.93 -4.09
O2A TTP H . -0.97 1.63 -1.59
O3A TTP H . -0.84 -0.44 -3.06
PB TTP H . -2.04 -0.98 -4.01
O1B TTP H . -1.85 -0.57 -5.44
O2B TTP H . -2.10 -2.46 -3.83
O3B TTP H . -3.31 -0.31 -3.28
PG TTP H . -4.58 0.29 -4.09
O1G TTP H . -5.19 -0.72 -4.99
O2G TTP H . -5.58 0.73 -3.04
O3G TTP H . -4.13 1.50 -4.91
O5' TTP H . 1.14 1.01 -2.89
C5' TTP H . 1.77 0.67 -4.11
C4' TTP H . 2.76 -0.43 -3.83
O4' TTP H . 3.70 -0.08 -2.82
C3' TTP H . 2.08 -1.73 -3.37
O3' TTP H . 1.69 -2.56 -4.46
C2' TTP H . 3.16 -2.37 -2.46
C1' TTP H . 4.02 -1.20 -1.99
N1 TTP H . 3.72 -0.94 -0.58
C2 TTP H . 4.56 -1.46 0.42
O2 TTP H . 5.58 -2.11 0.08
N3 TTP H . 4.30 -1.24 1.71
C4 TTP H . 3.23 -0.56 2.10
O4 TTP H . 3.00 -0.39 3.30
C5 TTP H . 2.33 -0.01 1.07
C5M TTP H . 1.10 0.77 1.47
C6 TTP H . 2.63 -0.23 -0.26
H5'1 TTP H . 1.03 0.34 -4.84
H5'2 TTP H . 2.28 1.54 -4.52
H4' TTP H . 3.27 -0.59 -4.80
H3' TTP H . 1.14 -1.57 -2.83
HO3' TTP H . 1.06 -3.22 -4.15
H2'1 TTP H . 2.69 -2.88 -1.62
H2'2 TTP H . 3.74 -3.10 -3.01
H1' TTP H . 5.10 -1.42 -2.07
HM51 TTP H . 0.99 1.60 0.82
HM52 TTP H . 0.25 0.14 1.39
HM53 TTP H . 1.20 1.11 2.46
H6 TTP H . 1.99 0.16 -1.04
C1 EDO I . 15.65 15.93 -12.79
O1 EDO I . 15.61 14.59 -13.24
C2 EDO I . 16.50 16.77 -13.72
O2 EDO I . 16.60 18.09 -13.22
H11 EDO I . 14.75 16.30 -12.75
H12 EDO I . 16.02 15.99 -11.89
HO1 EDO I . 15.08 14.15 -12.74
H21 EDO I . 17.36 16.33 -13.79
H22 EDO I . 16.09 16.73 -14.59
HO2 EDO I . 17.07 18.53 -13.77
C1 EDO J . -7.92 7.04 3.77
O1 EDO J . -7.65 7.37 2.43
C2 EDO J . -7.81 5.55 3.97
O2 EDO J . -6.53 5.10 3.55
H11 EDO J . -7.28 7.48 4.37
H12 EDO J . -8.80 7.33 4.04
HO1 EDO J . -7.82 8.20 2.32
H21 EDO J . -7.97 5.36 4.91
H22 EDO J . -8.53 5.13 3.47
HO2 EDO J . -6.52 4.25 3.56
C1 EDO K . 11.48 -6.58 -16.71
O1 EDO K . 10.09 -6.36 -16.70
C2 EDO K . 11.94 -7.01 -15.35
O2 EDO K . 11.37 -8.26 -15.03
H11 EDO K . 11.73 -7.26 -17.35
H12 EDO K . 11.96 -5.77 -16.97
HO1 EDO K . 9.85 -6.06 -17.46
H21 EDO K . 12.91 -7.03 -15.35
H22 EDO K . 11.68 -6.32 -14.72
HO2 EDO K . 11.52 -8.43 -14.21
C1 EDO L . 18.00 6.55 -5.10
O1 EDO L . 17.01 7.11 -4.26
C2 EDO L . 19.37 6.95 -4.63
O2 EDO L . 19.63 6.36 -3.36
H11 EDO L . 17.94 5.58 -5.13
H12 EDO L . 17.88 6.85 -6.02
HO1 EDO L . 16.25 6.86 -4.53
H21 EDO L . 20.01 6.66 -5.30
H22 EDO L . 19.41 7.92 -4.60
HO2 EDO L . 20.41 6.60 -3.12
C1 EDO M . 30.11 -6.61 10.25
O1 EDO M . 30.18 -7.74 11.08
C2 EDO M . 28.94 -5.76 10.67
O2 EDO M . 29.11 -5.34 12.00
H11 EDO M . 30.91 -6.08 10.31
H12 EDO M . 30.00 -6.86 9.32
HO1 EDO M . 30.85 -8.21 10.84
H21 EDO M . 28.88 -5.00 10.05
H22 EDO M . 28.13 -6.28 10.54
HO2 EDO M . 28.42 -4.88 12.23
C1 EDO N . -8.65 8.17 23.19
O1 EDO N . -9.81 8.66 23.83
C2 EDO N . -8.63 8.66 21.76
O2 EDO N . -7.34 8.43 21.20
H11 EDO N . -7.85 8.47 23.63
H12 EDO N . -8.63 7.21 23.20
HO1 EDO N . -9.81 8.36 24.62
H21 EDO N . -9.33 8.19 21.27
H22 EDO N . -8.87 9.60 21.76
HO2 EDO N . -7.38 8.62 20.37
C1 EDO O . 6.16 16.49 9.70
O1 EDO O . 6.01 15.10 9.51
C2 EDO O . 7.45 16.76 10.41
O2 EDO O . 7.41 17.99 11.13
H11 EDO O . 6.16 16.97 8.86
H12 EDO O . 5.44 16.86 10.23
HO1 EDO O . 5.29 14.97 9.06
H21 EDO O . 7.63 16.00 11.00
H22 EDO O . 8.16 16.75 9.74
HO2 EDO O . 8.19 18.15 11.44
#